data_5N40
#
_entry.id   5N40
#
_cell.length_a   70.260
_cell.length_b   27.030
_cell.length_c   88.950
_cell.angle_alpha   90.000
_cell.angle_beta   107.110
_cell.angle_gamma   90.000
#
_symmetry.space_group_name_H-M   'P 1 21 1'
#
loop_
_entity.id
_entity.type
_entity.pdbx_description
1 polymer 'Putative invasin'
2 non-polymer DI(HYDROXYETHYL)ETHER
3 water water
#
_entity_poly.entity_id   1
_entity_poly.type   'polypeptide(L)'
_entity_poly.pdbx_seq_one_letter_code
;GGGRGNLSTTNSTLVAAPVNIEANGSDTSVVTLTLRDSNNNPVTGQTVAFTSTLGTLDNVTEQASGLYTATLTAGTLTGT
ASLSVNVDGNNLGTTPATINVIPAPVDLTVLTDNARKNIGQAISLTVIAKYKSTDVVAPNVKMTFEQVAVVNRQNSPVSS
SGVVQIADANYDAFTGMTDANGQLTVSVTDPNGIGVQTTLRAAAESGDMENTNVTFNVITSPDSAQASMWGNMAETLTAS
GVTFKRPYLAAEKPGTIGTNVENNETWAMFNQSQAVAMCTVPSSSQLVSLYNLYPLNQIQTVAGWPTMQVYRSSTSAVIG
QHFYVYMNTGNYAYNSIGNGDVDGNYNVSCSL
;
_entity_poly.pdbx_strand_id   A
#
# COMPACT_ATOMS: atom_id res chain seq x y z
N GLY A 1 15.53 -35.36 38.05
CA GLY A 1 16.75 -36.08 38.35
C GLY A 1 16.47 -37.56 38.58
N GLY A 2 15.25 -37.96 38.26
CA GLY A 2 14.82 -39.33 38.47
C GLY A 2 14.35 -39.56 39.88
N GLY A 3 13.48 -40.55 40.08
CA GLY A 3 13.03 -40.86 41.42
C GLY A 3 14.16 -41.30 42.32
N ARG A 4 15.08 -42.09 41.78
CA ARG A 4 16.19 -42.63 42.57
C ARG A 4 17.37 -41.66 42.66
N GLY A 5 17.27 -40.49 42.04
CA GLY A 5 18.31 -39.48 42.14
C GLY A 5 19.58 -39.79 41.38
N ASN A 6 19.58 -40.83 40.54
CA ASN A 6 20.78 -41.21 39.83
C ASN A 6 20.94 -40.49 38.48
N LEU A 7 19.87 -39.92 37.93
CA LEU A 7 19.97 -39.21 36.65
C LEU A 7 20.73 -37.91 36.86
N SER A 8 21.81 -37.72 36.09
CA SER A 8 22.66 -36.54 36.23
C SER A 8 22.31 -35.53 35.15
N THR A 9 21.98 -34.31 35.57
CA THR A 9 21.68 -33.26 34.60
C THR A 9 22.95 -32.68 33.98
N THR A 10 24.12 -32.96 34.56
CA THR A 10 25.38 -32.48 34.00
C THR A 10 26.05 -33.51 33.10
N ASN A 11 25.94 -34.81 33.43
CA ASN A 11 26.48 -35.84 32.54
C ASN A 11 25.55 -36.14 31.38
N SER A 12 24.24 -35.96 31.58
CA SER A 12 23.29 -36.11 30.49
C SER A 12 23.35 -34.88 29.58
N THR A 13 23.11 -35.11 28.29
CA THR A 13 23.11 -34.03 27.32
C THR A 13 21.91 -34.19 26.40
N LEU A 14 21.38 -33.06 25.96
CA LEU A 14 20.31 -33.00 24.96
C LEU A 14 20.82 -32.17 23.80
N VAL A 15 20.82 -32.73 22.60
CA VAL A 15 21.34 -32.06 21.42
C VAL A 15 20.36 -32.24 20.27
N ALA A 16 20.51 -31.39 19.26
CA ALA A 16 19.71 -31.45 18.06
C ALA A 16 20.62 -31.29 16.84
N ALA A 17 20.27 -31.99 15.77
CA ALA A 17 21.05 -31.96 14.55
C ALA A 17 20.14 -32.06 13.33
N PRO A 18 20.07 -31.01 12.49
CA PRO A 18 20.77 -29.73 12.59
C PRO A 18 20.14 -28.77 13.60
N VAL A 19 20.82 -27.67 13.90
CA VAL A 19 20.29 -26.67 14.81
C VAL A 19 19.67 -25.49 14.08
N ASN A 20 19.56 -25.59 12.75
CA ASN A 20 18.84 -24.62 11.94
C ASN A 20 17.93 -25.39 11.00
N ILE A 21 16.65 -25.00 10.95
CA ILE A 21 15.67 -25.55 10.03
C ILE A 21 14.78 -24.41 9.58
N GLU A 22 14.17 -24.58 8.41
CA GLU A 22 13.29 -23.57 7.85
C GLU A 22 11.84 -23.80 8.28
N ALA A 23 11.11 -22.71 8.47
CA ALA A 23 9.71 -22.76 8.91
C ALA A 23 8.78 -23.07 7.73
N ASN A 24 8.95 -24.28 7.18
CA ASN A 24 8.24 -24.71 5.98
C ASN A 24 7.35 -25.93 6.21
N GLY A 25 7.16 -26.35 7.45
CA GLY A 25 6.31 -27.47 7.76
C GLY A 25 6.88 -28.82 7.38
N SER A 26 8.14 -28.89 6.95
CA SER A 26 8.70 -30.15 6.47
C SER A 26 10.15 -30.39 6.86
N ASP A 27 10.97 -29.36 7.10
CA ASP A 27 12.36 -29.60 7.51
C ASP A 27 12.38 -30.35 8.84
N THR A 28 13.38 -31.21 9.02
CA THR A 28 13.46 -32.06 10.21
C THR A 28 14.80 -31.91 10.90
N SER A 29 14.80 -32.27 12.18
CA SER A 29 16.00 -32.34 13.01
C SER A 29 15.87 -33.50 13.97
N VAL A 30 16.99 -34.14 14.28
CA VAL A 30 17.01 -35.27 15.21
C VAL A 30 17.43 -34.75 16.58
N VAL A 31 16.61 -35.02 17.59
CA VAL A 31 16.88 -34.66 18.97
C VAL A 31 17.39 -35.91 19.67
N THR A 32 18.56 -35.80 20.30
CA THR A 32 19.19 -36.94 20.95
C THR A 32 19.43 -36.61 22.42
N LEU A 33 18.84 -37.41 23.29
CA LEU A 33 19.19 -37.41 24.71
C LEU A 33 20.22 -38.49 24.95
N THR A 34 21.31 -38.12 25.62
CA THR A 34 22.28 -39.07 26.15
C THR A 34 22.08 -39.08 27.66
N LEU A 35 21.42 -40.13 28.15
CA LEU A 35 20.98 -40.18 29.54
C LEU A 35 22.04 -40.89 30.37
N ARG A 36 22.59 -40.19 31.36
CA ARG A 36 23.72 -40.67 32.14
C ARG A 36 23.46 -40.46 33.62
N ASP A 37 24.01 -41.36 34.44
CA ASP A 37 23.89 -41.21 35.88
C ASP A 37 25.10 -40.43 36.40
N SER A 38 25.16 -40.29 37.74
CA SER A 38 26.19 -39.46 38.36
C SER A 38 27.59 -40.03 38.17
N ASN A 39 27.70 -41.31 37.79
CA ASN A 39 28.98 -41.94 37.49
C ASN A 39 29.26 -41.99 35.99
N ASN A 40 28.42 -41.33 35.20
CA ASN A 40 28.48 -41.30 33.74
C ASN A 40 28.21 -42.66 33.11
N ASN A 41 27.49 -43.54 33.80
CA ASN A 41 27.01 -44.77 33.20
C ASN A 41 25.74 -44.49 32.40
N PRO A 42 25.53 -45.16 31.26
CA PRO A 42 24.26 -45.01 30.54
C PRO A 42 23.10 -45.55 31.35
N VAL A 43 21.95 -44.89 31.25
CA VAL A 43 20.71 -45.35 31.89
C VAL A 43 19.79 -45.85 30.79
N THR A 44 19.53 -47.14 30.78
CA THR A 44 18.78 -47.78 29.70
C THR A 44 17.34 -48.07 30.13
N GLY A 45 16.50 -48.32 29.14
CA GLY A 45 15.15 -48.77 29.38
C GLY A 45 14.20 -47.74 29.97
N GLN A 46 14.49 -46.46 29.80
CA GLN A 46 13.69 -45.41 30.44
C GLN A 46 12.56 -44.92 29.53
N THR A 47 11.60 -44.26 30.15
CA THR A 47 10.45 -43.67 29.48
C THR A 47 10.72 -42.19 29.32
N VAL A 48 11.16 -41.80 28.13
CA VAL A 48 11.65 -40.45 27.84
C VAL A 48 10.67 -39.75 26.92
N ALA A 49 10.40 -38.47 27.21
CA ALA A 49 9.57 -37.63 26.36
C ALA A 49 10.26 -36.30 26.14
N PHE A 50 10.08 -35.75 24.94
CA PHE A 50 10.61 -34.44 24.59
C PHE A 50 9.46 -33.46 24.37
N THR A 51 9.72 -32.18 24.62
CA THR A 51 8.81 -31.12 24.22
C THR A 51 9.58 -30.08 23.42
N SER A 52 8.86 -29.35 22.58
CA SER A 52 9.45 -28.27 21.79
C SER A 52 8.45 -27.13 21.69
N THR A 53 8.95 -25.88 21.77
CA THR A 53 8.08 -24.72 21.68
C THR A 53 7.59 -24.46 20.26
N LEU A 54 8.27 -25.02 19.26
CA LEU A 54 7.91 -24.87 17.86
C LEU A 54 7.98 -26.23 17.19
N GLY A 55 7.13 -26.44 16.20
CA GLY A 55 7.12 -27.67 15.44
C GLY A 55 6.46 -28.81 16.20
N THR A 56 6.63 -30.01 15.65
CA THR A 56 6.04 -31.21 16.20
C THR A 56 7.07 -32.34 16.26
N LEU A 57 6.92 -33.22 17.24
CA LEU A 57 7.83 -34.35 17.46
C LEU A 57 7.10 -35.66 17.23
N ASP A 58 7.83 -36.65 16.72
CA ASP A 58 7.29 -38.01 16.67
C ASP A 58 7.67 -38.73 17.96
N ASN A 59 7.44 -40.04 18.03
CA ASN A 59 7.66 -40.78 19.26
C ASN A 59 9.14 -41.00 19.53
N VAL A 60 9.50 -40.95 20.81
CA VAL A 60 10.86 -41.21 21.26
C VAL A 60 11.13 -42.71 21.23
N THR A 61 12.32 -43.09 20.77
CA THR A 61 12.76 -44.48 20.79
C THR A 61 14.18 -44.54 21.33
N GLU A 62 14.52 -45.70 21.90
CA GLU A 62 15.81 -45.89 22.55
C GLU A 62 16.75 -46.67 21.64
N GLN A 63 17.98 -46.18 21.52
CA GLN A 63 19.06 -46.90 20.86
C GLN A 63 20.08 -47.33 21.91
N ALA A 64 21.21 -47.86 21.45
CA ALA A 64 22.19 -48.43 22.36
C ALA A 64 22.84 -47.34 23.21
N SER A 65 23.34 -47.75 24.37
CA SER A 65 24.14 -46.89 25.24
C SER A 65 23.33 -45.71 25.79
N GLY A 66 22.07 -45.96 26.12
CA GLY A 66 21.26 -44.94 26.78
C GLY A 66 21.03 -43.70 25.96
N LEU A 67 20.92 -43.84 24.65
CA LEU A 67 20.57 -42.74 23.76
C LEU A 67 19.09 -42.84 23.41
N TYR A 68 18.41 -41.70 23.42
CA TYR A 68 16.98 -41.64 23.11
C TYR A 68 16.77 -40.53 22.09
N THR A 69 16.10 -40.86 20.98
CA THR A 69 15.98 -39.93 19.87
C THR A 69 14.53 -39.75 19.44
N ALA A 70 14.27 -38.59 18.82
CA ALA A 70 13.00 -38.31 18.17
C ALA A 70 13.27 -37.32 17.04
N THR A 71 12.37 -37.31 16.06
CA THR A 71 12.47 -36.38 14.94
C THR A 71 11.53 -35.21 15.20
N LEU A 72 12.09 -34.00 15.17
CA LEU A 72 11.29 -32.78 15.16
C LEU A 72 11.05 -32.36 13.71
N THR A 73 9.82 -31.97 13.42
CA THR A 73 9.47 -31.40 12.13
C THR A 73 9.07 -29.95 12.33
N ALA A 74 9.64 -29.06 11.51
CA ALA A 74 9.31 -27.65 11.62
C ALA A 74 7.81 -27.44 11.46
N GLY A 75 7.30 -26.43 12.14
CA GLY A 75 6.02 -25.83 11.79
C GLY A 75 6.22 -24.75 10.76
N THR A 76 5.30 -23.77 10.77
CA THR A 76 5.38 -22.64 9.86
C THR A 76 5.64 -21.32 10.56
N LEU A 77 5.98 -21.34 11.85
CA LEU A 77 6.30 -20.15 12.62
C LEU A 77 7.81 -20.09 12.86
N THR A 78 8.40 -18.94 12.55
CA THR A 78 9.80 -18.69 12.82
C THR A 78 10.02 -18.38 14.29
N GLY A 79 11.22 -18.67 14.76
CA GLY A 79 11.60 -18.37 16.13
C GLY A 79 12.72 -19.30 16.58
N THR A 80 12.82 -19.47 17.88
CA THR A 80 13.76 -20.42 18.48
C THR A 80 12.97 -21.52 19.17
N ALA A 81 13.17 -22.76 18.72
CA ALA A 81 12.55 -23.91 19.37
C ALA A 81 13.38 -24.28 20.59
N SER A 82 12.79 -24.15 21.78
CA SER A 82 13.43 -24.62 23.00
C SER A 82 12.93 -26.02 23.31
N LEU A 83 13.87 -26.93 23.55
CA LEU A 83 13.60 -28.34 23.74
C LEU A 83 13.77 -28.70 25.21
N SER A 84 12.81 -29.45 25.75
CA SER A 84 12.91 -29.95 27.12
C SER A 84 12.70 -31.46 27.12
N VAL A 85 13.08 -32.09 28.23
CA VAL A 85 13.04 -33.53 28.35
C VAL A 85 12.51 -33.90 29.74
N ASN A 86 11.68 -34.94 29.79
CA ASN A 86 11.25 -35.49 31.06
C ASN A 86 11.32 -37.02 31.00
N VAL A 87 11.47 -37.62 32.17
CA VAL A 87 11.62 -39.06 32.33
C VAL A 87 10.57 -39.50 33.35
N ASP A 88 9.72 -40.45 32.96
CA ASP A 88 8.60 -40.85 33.81
C ASP A 88 7.75 -39.64 34.20
N GLY A 89 7.64 -38.67 33.30
CA GLY A 89 6.80 -37.51 33.55
C GLY A 89 7.43 -36.44 34.42
N ASN A 90 8.68 -36.61 34.84
CA ASN A 90 9.38 -35.65 35.69
C ASN A 90 10.48 -34.95 34.88
N ASN A 91 10.55 -33.63 34.98
CA ASN A 91 11.50 -32.87 34.18
C ASN A 91 12.92 -33.28 34.53
N LEU A 92 13.74 -33.47 33.49
CA LEU A 92 15.18 -33.67 33.65
C LEU A 92 15.86 -32.35 33.31
N GLY A 93 16.44 -31.71 34.31
CA GLY A 93 16.93 -30.35 34.16
C GLY A 93 18.25 -30.24 33.46
N THR A 94 18.41 -30.94 32.35
CA THR A 94 19.61 -30.76 31.55
C THR A 94 19.49 -29.46 30.74
N THR A 95 20.63 -28.96 30.31
CA THR A 95 20.64 -27.73 29.52
C THR A 95 19.74 -27.89 28.29
N PRO A 96 18.86 -26.94 28.01
CA PRO A 96 17.96 -27.10 26.86
C PRO A 96 18.70 -26.91 25.55
N ALA A 97 18.50 -27.83 24.62
CA ALA A 97 18.96 -27.61 23.27
C ALA A 97 18.01 -26.64 22.58
N THR A 98 18.52 -25.95 21.58
CA THR A 98 17.69 -25.05 20.78
C THR A 98 17.90 -25.33 19.31
N ILE A 99 16.88 -24.97 18.53
CA ILE A 99 16.93 -25.03 17.07
C ILE A 99 16.40 -23.70 16.56
N ASN A 100 17.19 -23.05 15.71
CA ASN A 100 16.72 -21.85 15.03
C ASN A 100 15.77 -22.26 13.92
N VAL A 101 14.53 -21.80 13.99
CA VAL A 101 13.54 -22.03 12.96
C VAL A 101 13.50 -20.74 12.15
N ILE A 102 14.18 -20.75 11.02
CA ILE A 102 14.43 -19.53 10.25
C ILE A 102 13.35 -19.37 9.19
N PRO A 103 13.25 -18.21 8.56
CA PRO A 103 12.21 -17.98 7.55
C PRO A 103 12.32 -18.94 6.37
N ALA A 104 11.17 -19.27 5.81
CA ALA A 104 11.11 -20.13 4.64
C ALA A 104 11.33 -19.29 3.39
N PRO A 105 12.28 -19.65 2.53
CA PRO A 105 12.39 -18.98 1.24
C PRO A 105 11.07 -19.09 0.49
N VAL A 106 10.59 -17.96 -0.03
CA VAL A 106 9.32 -17.92 -0.74
C VAL A 106 9.45 -17.07 -2.00
N ASP A 107 8.54 -17.30 -2.94
CA ASP A 107 8.26 -16.40 -4.05
C ASP A 107 6.96 -15.68 -3.77
N LEU A 108 6.95 -14.38 -3.95
CA LEU A 108 5.77 -13.56 -3.72
C LEU A 108 5.13 -13.14 -5.04
N THR A 109 3.81 -13.26 -5.09
CA THR A 109 3.01 -12.63 -6.14
C THR A 109 2.16 -11.56 -5.48
N VAL A 110 2.02 -10.41 -6.17
CA VAL A 110 1.25 -9.29 -5.65
C VAL A 110 0.21 -8.90 -6.68
N LEU A 111 -1.06 -8.94 -6.27
CA LEU A 111 -2.20 -8.64 -7.12
C LEU A 111 -2.98 -7.48 -6.52
N THR A 112 -3.43 -6.56 -7.38
CA THR A 112 -4.36 -5.52 -6.96
C THR A 112 -5.64 -5.66 -7.77
N ASP A 113 -6.78 -5.40 -7.13
CA ASP A 113 -8.05 -5.55 -7.85
C ASP A 113 -8.12 -4.55 -9.01
N ASN A 114 -7.69 -3.32 -8.79
CA ASN A 114 -7.42 -2.38 -9.88
C ASN A 114 -6.27 -1.50 -9.41
N ALA A 115 -5.28 -1.30 -10.29
CA ALA A 115 -4.06 -0.62 -9.89
C ALA A 115 -4.23 0.89 -9.79
N ARG A 116 -5.31 1.45 -10.34
CA ARG A 116 -5.51 2.89 -10.36
C ARG A 116 -6.94 3.20 -9.96
N LYS A 117 -7.10 3.95 -8.88
CA LYS A 117 -8.41 4.38 -8.42
C LYS A 117 -8.32 5.86 -8.06
N ASN A 118 -9.41 6.39 -7.51
CA ASN A 118 -9.48 7.79 -7.11
C ASN A 118 -9.23 7.91 -5.61
N ILE A 119 -8.61 9.03 -5.22
CA ILE A 119 -8.49 9.32 -3.79
C ILE A 119 -9.86 9.23 -3.15
N GLY A 120 -9.94 8.51 -2.03
CA GLY A 120 -11.19 8.19 -1.37
C GLY A 120 -11.61 6.75 -1.54
N GLN A 121 -11.19 6.11 -2.63
CA GLN A 121 -11.41 4.70 -2.84
C GLN A 121 -10.26 3.90 -2.22
N ALA A 122 -10.47 2.60 -2.08
CA ALA A 122 -9.46 1.69 -1.54
C ALA A 122 -9.13 0.63 -2.57
N ILE A 123 -7.84 0.38 -2.75
CA ILE A 123 -7.34 -0.69 -3.60
C ILE A 123 -7.13 -1.93 -2.74
N SER A 124 -7.60 -3.07 -3.22
CA SER A 124 -7.40 -4.34 -2.54
C SER A 124 -6.11 -4.96 -3.05
N LEU A 125 -5.15 -5.14 -2.15
CA LEU A 125 -3.82 -5.65 -2.49
C LEU A 125 -3.65 -6.99 -1.83
N THR A 126 -3.34 -8.02 -2.63
CA THR A 126 -3.15 -9.38 -2.14
C THR A 126 -1.72 -9.84 -2.41
N VAL A 127 -1.04 -10.30 -1.36
CA VAL A 127 0.25 -10.97 -1.46
C VAL A 127 0.00 -12.47 -1.37
N ILE A 128 0.56 -13.23 -2.31
CA ILE A 128 0.49 -14.68 -2.29
C ILE A 128 1.92 -15.19 -2.16
N ALA A 129 2.17 -15.99 -1.13
CA ALA A 129 3.49 -16.56 -0.86
C ALA A 129 3.45 -18.06 -1.14
N LYS A 130 4.42 -18.53 -1.90
CA LYS A 130 4.62 -19.95 -2.12
C LYS A 130 6.08 -20.29 -1.81
N TYR A 131 6.30 -21.50 -1.33
CA TYR A 131 7.66 -21.92 -1.06
C TYR A 131 8.47 -21.87 -2.35
N LYS A 132 9.69 -21.36 -2.24
CA LYS A 132 10.43 -20.92 -3.40
C LYS A 132 10.53 -22.01 -4.46
N SER A 133 10.18 -21.64 -5.69
CA SER A 133 10.24 -22.48 -6.89
C SER A 133 9.20 -23.59 -6.88
N THR A 134 8.19 -23.51 -6.02
CA THR A 134 7.11 -24.50 -5.99
C THR A 134 5.77 -23.79 -6.10
N ASP A 135 4.72 -24.59 -6.20
CA ASP A 135 3.35 -24.09 -6.17
C ASP A 135 2.67 -24.38 -4.85
N VAL A 136 3.43 -24.63 -3.79
CA VAL A 136 2.88 -24.92 -2.47
C VAL A 136 2.77 -23.61 -1.70
N VAL A 137 1.56 -23.32 -1.23
CA VAL A 137 1.32 -22.07 -0.51
C VAL A 137 2.04 -22.10 0.84
N ALA A 138 2.48 -20.93 1.29
CA ALA A 138 3.26 -20.79 2.51
C ALA A 138 2.45 -20.01 3.55
N PRO A 139 1.84 -20.67 4.52
CA PRO A 139 1.06 -19.95 5.52
C PRO A 139 1.96 -19.39 6.63
N ASN A 140 1.43 -18.35 7.29
CA ASN A 140 2.04 -17.76 8.49
C ASN A 140 3.38 -17.10 8.19
N VAL A 141 3.55 -16.59 6.98
CA VAL A 141 4.74 -15.85 6.58
C VAL A 141 4.55 -14.38 6.96
N LYS A 142 5.46 -13.88 7.78
CA LYS A 142 5.39 -12.49 8.22
C LYS A 142 5.72 -11.55 7.06
N MET A 143 4.93 -10.47 6.94
CA MET A 143 4.99 -9.56 5.80
CA MET A 143 4.99 -9.57 5.80
C MET A 143 5.09 -8.13 6.28
N THR A 144 5.85 -7.31 5.54
CA THR A 144 5.87 -5.87 5.74
C THR A 144 5.72 -5.19 4.38
N PHE A 145 5.43 -3.89 4.41
CA PHE A 145 5.29 -3.09 3.20
C PHE A 145 6.16 -1.85 3.30
N GLU A 146 6.71 -1.45 2.14
CA GLU A 146 7.59 -0.29 2.06
C GLU A 146 7.32 0.47 0.77
N GLN A 147 7.13 1.79 0.89
CA GLN A 147 7.10 2.64 -0.28
C GLN A 147 8.51 2.79 -0.84
N VAL A 148 8.70 2.42 -2.11
CA VAL A 148 10.02 2.46 -2.73
C VAL A 148 10.09 3.40 -3.94
N ALA A 149 8.98 3.97 -4.39
CA ALA A 149 9.02 4.98 -5.45
C ALA A 149 7.70 5.74 -5.45
N VAL A 150 7.78 7.01 -5.85
CA VAL A 150 6.60 7.89 -5.97
C VAL A 150 6.85 8.83 -7.13
N VAL A 151 6.00 8.76 -8.17
CA VAL A 151 6.16 9.59 -9.36
C VAL A 151 4.82 10.17 -9.77
N ASN A 152 4.88 11.26 -10.54
CA ASN A 152 3.68 11.84 -11.13
C ASN A 152 3.40 11.12 -12.45
N ARG A 153 2.57 11.70 -13.31
CA ARG A 153 2.21 11.04 -14.55
C ARG A 153 3.25 11.23 -15.65
N GLN A 154 4.27 12.05 -15.41
CA GLN A 154 5.35 12.30 -16.37
C GLN A 154 6.69 11.74 -15.88
N ASN A 155 6.65 10.75 -14.99
CA ASN A 155 7.84 10.06 -14.50
C ASN A 155 8.71 10.94 -13.62
N SER A 156 8.17 12.03 -13.09
CA SER A 156 8.97 12.88 -12.22
C SER A 156 8.83 12.44 -10.78
N PRO A 157 9.91 12.33 -10.00
CA PRO A 157 9.78 11.93 -8.60
C PRO A 157 9.04 12.98 -7.79
N VAL A 158 8.19 12.51 -6.88
CA VAL A 158 7.40 13.38 -6.01
C VAL A 158 7.73 13.02 -4.56
N SER A 159 8.13 14.03 -3.80
CA SER A 159 8.45 13.86 -2.39
C SER A 159 7.48 14.58 -1.46
N SER A 160 6.43 15.21 -1.99
CA SER A 160 5.53 16.05 -1.21
C SER A 160 4.11 15.50 -1.14
N SER A 161 3.89 14.26 -1.53
CA SER A 161 2.59 13.62 -1.39
C SER A 161 2.47 12.96 -0.02
N GLY A 162 1.23 12.68 0.37
CA GLY A 162 0.97 12.07 1.66
C GLY A 162 1.45 10.63 1.73
N VAL A 163 1.47 10.11 2.95
CA VAL A 163 1.90 8.73 3.18
C VAL A 163 0.74 7.79 2.84
N VAL A 164 1.02 6.81 1.97
CA VAL A 164 0.01 5.82 1.60
C VAL A 164 -0.36 5.00 2.83
N GLN A 165 -1.65 4.66 2.94
CA GLN A 165 -2.20 4.01 4.11
C GLN A 165 -2.51 2.56 3.79
N ILE A 166 -2.21 1.68 4.75
CA ILE A 166 -2.60 0.28 4.71
C ILE A 166 -3.37 0.01 6.00
N ALA A 167 -4.59 -0.50 5.85
CA ALA A 167 -5.47 -0.73 7.01
C ALA A 167 -5.62 0.55 7.84
N ASP A 168 -5.77 1.68 7.14
CA ASP A 168 -6.03 2.97 7.77
C ASP A 168 -4.92 3.41 8.71
N ALA A 169 -3.68 2.99 8.44
CA ALA A 169 -2.50 3.49 9.12
C ALA A 169 -1.36 3.59 8.13
N ASN A 170 -0.31 4.32 8.51
CA ASN A 170 0.85 4.46 7.63
C ASN A 170 1.37 3.08 7.25
N TYR A 171 1.86 2.95 6.01
CA TYR A 171 2.28 1.65 5.51
C TYR A 171 3.35 1.02 6.40
N ASP A 172 4.25 1.84 6.96
CA ASP A 172 5.36 1.30 7.74
C ASP A 172 4.95 0.83 9.13
N ALA A 173 3.69 1.02 9.51
CA ALA A 173 3.18 0.46 10.76
C ALA A 173 2.57 -0.92 10.58
N PHE A 174 2.39 -1.38 9.33
CA PHE A 174 1.70 -2.63 9.12
C PHE A 174 2.56 -3.83 9.53
N THR A 175 1.93 -4.76 10.24
CA THR A 175 2.45 -6.10 10.41
C THR A 175 1.33 -7.08 10.15
N GLY A 176 1.68 -8.27 9.66
CA GLY A 176 0.67 -9.27 9.35
C GLY A 176 1.33 -10.50 8.77
N MET A 177 0.51 -11.52 8.57
CA MET A 177 0.98 -12.82 8.11
C MET A 177 0.07 -13.35 7.01
N THR A 178 0.63 -14.20 6.15
CA THR A 178 -0.20 -14.91 5.20
C THR A 178 -1.09 -15.92 5.93
N ASP A 179 -2.24 -16.21 5.32
CA ASP A 179 -3.23 -17.09 5.92
C ASP A 179 -3.01 -18.53 5.47
N ALA A 180 -3.98 -19.41 5.77
CA ALA A 180 -3.82 -20.83 5.48
C ALA A 180 -3.61 -21.08 3.99
N ASN A 181 -4.08 -20.18 3.12
CA ASN A 181 -3.87 -20.30 1.69
C ASN A 181 -2.67 -19.51 1.19
N GLY A 182 -1.80 -19.07 2.11
CA GLY A 182 -0.63 -18.32 1.70
C GLY A 182 -0.92 -16.92 1.23
N GLN A 183 -2.08 -16.37 1.54
CA GLN A 183 -2.49 -15.06 1.05
C GLN A 183 -2.62 -14.05 2.19
N LEU A 184 -2.26 -12.81 1.89
CA LEU A 184 -2.48 -11.67 2.78
C LEU A 184 -3.12 -10.57 1.93
N THR A 185 -4.34 -10.17 2.31
CA THR A 185 -5.05 -9.11 1.58
C THR A 185 -5.24 -7.91 2.51
N VAL A 186 -4.90 -6.73 2.00
CA VAL A 186 -4.97 -5.50 2.78
C VAL A 186 -5.66 -4.42 1.94
N SER A 187 -6.16 -3.41 2.64
CA SER A 187 -6.85 -2.29 2.03
C SER A 187 -5.91 -1.07 1.98
N VAL A 188 -5.68 -0.57 0.77
CA VAL A 188 -4.74 0.52 0.53
C VAL A 188 -5.53 1.78 0.18
N THR A 189 -5.19 2.90 0.83
CA THR A 189 -5.81 4.19 0.57
C THR A 189 -4.73 5.27 0.55
N ASP A 190 -5.08 6.42 -0.02
CA ASP A 190 -4.15 7.55 -0.16
C ASP A 190 -4.90 8.84 0.15
N PRO A 191 -5.44 8.96 1.37
CA PRO A 191 -6.28 10.14 1.68
C PRO A 191 -5.56 11.47 1.59
N ASN A 192 -4.23 11.49 1.75
CA ASN A 192 -3.45 12.71 1.64
C ASN A 192 -2.62 12.75 0.36
N GLY A 193 -3.01 11.98 -0.65
CA GLY A 193 -2.28 11.98 -1.90
C GLY A 193 -2.50 13.23 -2.72
N ILE A 194 -1.55 13.53 -3.60
CA ILE A 194 -1.68 14.66 -4.51
C ILE A 194 -1.72 14.21 -5.97
N GLY A 195 -1.95 12.92 -6.23
CA GLY A 195 -2.09 12.40 -7.58
C GLY A 195 -0.86 11.68 -8.08
N VAL A 196 -0.44 10.66 -7.34
CA VAL A 196 0.84 10.01 -7.62
C VAL A 196 0.65 8.50 -7.74
N GLN A 197 1.61 7.89 -8.44
CA GLN A 197 1.75 6.45 -8.54
C GLN A 197 2.81 6.03 -7.53
N THR A 198 2.42 5.19 -6.57
CA THR A 198 3.30 4.75 -5.50
C THR A 198 3.66 3.29 -5.72
N THR A 199 4.96 2.99 -5.66
CA THR A 199 5.41 1.61 -5.73
C THR A 199 5.53 1.08 -4.31
N LEU A 200 4.71 0.10 -3.98
CA LEU A 200 4.76 -0.58 -2.70
C LEU A 200 5.51 -1.89 -2.84
N ARG A 201 6.47 -2.13 -1.95
CA ARG A 201 7.21 -3.40 -1.94
C ARG A 201 6.75 -4.25 -0.76
N ALA A 202 6.28 -5.45 -1.06
CA ALA A 202 5.99 -6.46 -0.06
C ALA A 202 7.25 -7.27 0.22
N ALA A 203 7.62 -7.37 1.49
CA ALA A 203 8.79 -8.14 1.91
C ALA A 203 8.39 -9.20 2.92
N ALA A 204 8.72 -10.46 2.62
CA ALA A 204 8.55 -11.53 3.58
C ALA A 204 9.72 -11.52 4.56
N GLU A 205 9.53 -12.19 5.70
CA GLU A 205 10.60 -12.22 6.70
C GLU A 205 11.86 -12.88 6.17
N SER A 206 11.77 -13.66 5.10
CA SER A 206 12.94 -14.27 4.50
C SER A 206 13.79 -13.27 3.72
N GLY A 207 13.26 -12.09 3.44
CA GLY A 207 13.91 -11.13 2.57
C GLY A 207 13.48 -11.22 1.12
N ASP A 208 12.65 -12.21 0.78
CA ASP A 208 12.05 -12.27 -0.53
C ASP A 208 11.01 -11.15 -0.67
N MET A 209 10.98 -10.52 -1.85
CA MET A 209 10.20 -9.32 -2.05
C MET A 209 9.56 -9.31 -3.44
N GLU A 210 8.55 -8.47 -3.59
CA GLU A 210 7.92 -8.21 -4.88
C GLU A 210 7.24 -6.85 -4.79
N ASN A 211 7.19 -6.15 -5.93
CA ASN A 211 6.66 -4.79 -6.02
C ASN A 211 5.33 -4.75 -6.77
N THR A 212 4.52 -3.74 -6.45
CA THR A 212 3.34 -3.43 -7.24
C THR A 212 3.09 -1.93 -7.16
N ASN A 213 2.46 -1.39 -8.20
CA ASN A 213 2.16 0.04 -8.26
C ASN A 213 0.69 0.28 -7.91
N VAL A 214 0.46 1.33 -7.12
CA VAL A 214 -0.89 1.80 -6.84
C VAL A 214 -0.94 3.30 -7.16
N THR A 215 -2.01 3.71 -7.83
CA THR A 215 -2.19 5.09 -8.23
C THR A 215 -3.53 5.57 -7.70
N PHE A 216 -3.53 6.74 -7.06
CA PHE A 216 -4.75 7.34 -6.54
C PHE A 216 -4.90 8.71 -7.18
N ASN A 217 -5.95 8.88 -7.98
CA ASN A 217 -6.17 10.10 -8.72
C ASN A 217 -6.58 11.24 -7.80
N VAL A 218 -6.05 12.42 -8.08
CA VAL A 218 -6.43 13.66 -7.40
C VAL A 218 -7.49 14.37 -8.24
N ILE A 219 -8.45 15.00 -7.58
CA ILE A 219 -9.59 15.54 -8.33
C ILE A 219 -9.17 16.73 -9.17
N THR A 220 -8.11 17.43 -8.77
CA THR A 220 -7.74 18.71 -9.37
C THR A 220 -6.84 18.57 -10.58
N SER A 221 -6.63 17.35 -11.09
CA SER A 221 -5.91 17.13 -12.32
C SER A 221 -6.80 16.41 -13.34
N PRO A 222 -6.73 16.79 -14.60
CA PRO A 222 -7.53 16.06 -15.60
C PRO A 222 -6.94 14.69 -15.90
N ASP A 223 -7.82 13.76 -16.29
CA ASP A 223 -7.41 12.42 -16.69
C ASP A 223 -6.96 12.50 -18.15
N SER A 224 -5.74 12.99 -18.32
CA SER A 224 -5.12 13.18 -19.63
C SER A 224 -3.69 12.70 -19.55
N ALA A 225 -3.22 12.01 -20.59
CA ALA A 225 -1.83 11.59 -20.63
C ALA A 225 -0.88 12.77 -20.61
N GLN A 226 -1.36 13.99 -20.92
CA GLN A 226 -0.54 15.20 -20.90
C GLN A 226 -0.53 15.90 -19.55
N ALA A 227 -1.35 15.45 -18.60
CA ALA A 227 -1.38 16.05 -17.28
C ALA A 227 -0.11 15.72 -16.51
N SER A 228 0.25 16.60 -15.57
CA SER A 228 1.41 16.36 -14.72
C SER A 228 1.13 15.28 -13.69
N MET A 229 -0.02 15.37 -13.02
CA MET A 229 -0.41 14.42 -11.98
C MET A 229 -1.44 13.44 -12.52
N TRP A 230 -1.67 12.39 -11.73
CA TRP A 230 -2.75 11.43 -12.01
C TRP A 230 -4.05 11.97 -11.43
N GLY A 231 -5.06 12.17 -12.28
CA GLY A 231 -6.26 12.88 -11.85
C GLY A 231 -7.53 12.28 -12.41
N ASN A 232 -8.66 12.74 -11.86
CA ASN A 232 -9.99 12.36 -12.34
C ASN A 232 -10.93 13.57 -12.37
N MET A 233 -10.42 14.72 -12.78
CA MET A 233 -11.24 15.92 -12.83
C MET A 233 -12.46 15.69 -13.71
N ALA A 234 -13.59 16.28 -13.30
CA ALA A 234 -14.80 16.20 -14.13
C ALA A 234 -14.52 16.75 -15.52
N GLU A 235 -14.85 15.96 -16.54
CA GLU A 235 -14.65 16.40 -17.92
C GLU A 235 -15.71 17.44 -18.30
N THR A 236 -16.94 17.23 -17.85
CA THR A 236 -18.03 18.19 -18.01
C THR A 236 -18.84 18.22 -16.73
N LEU A 237 -19.59 19.30 -16.55
CA LEU A 237 -20.61 19.41 -15.50
C LEU A 237 -21.88 19.94 -16.13
N THR A 238 -23.02 19.56 -15.57
CA THR A 238 -24.31 19.99 -16.09
C THR A 238 -25.13 20.68 -15.02
N ALA A 239 -25.79 21.77 -15.40
CA ALA A 239 -26.69 22.49 -14.50
C ALA A 239 -27.91 22.92 -15.31
N SER A 240 -29.04 22.26 -15.05
CA SER A 240 -30.33 22.63 -15.62
CA SER A 240 -30.34 22.64 -15.62
C SER A 240 -30.26 22.78 -17.14
N GLY A 241 -29.82 21.71 -17.80
CA GLY A 241 -29.81 21.64 -19.24
C GLY A 241 -28.68 22.37 -19.92
N VAL A 242 -27.71 22.90 -19.17
CA VAL A 242 -26.54 23.55 -19.73
C VAL A 242 -25.33 22.74 -19.30
N THR A 243 -24.48 22.39 -20.27
CA THR A 243 -23.31 21.54 -20.04
C THR A 243 -22.05 22.37 -20.22
N PHE A 244 -21.11 22.22 -19.27
CA PHE A 244 -19.90 23.04 -19.20
C PHE A 244 -18.68 22.12 -19.26
N LYS A 245 -17.70 22.48 -20.09
CA LYS A 245 -16.48 21.70 -20.24
C LYS A 245 -15.42 22.18 -19.26
N ARG A 246 -14.62 21.24 -18.74
CA ARG A 246 -13.50 21.64 -17.91
C ARG A 246 -12.59 22.57 -18.70
N PRO A 247 -11.79 23.39 -18.03
CA PRO A 247 -10.79 24.19 -18.74
C PRO A 247 -9.73 23.32 -19.38
N TYR A 248 -9.07 23.89 -20.38
CA TYR A 248 -8.03 23.19 -21.14
C TYR A 248 -6.67 23.34 -20.47
N LEU A 249 -5.90 22.26 -20.49
CA LEU A 249 -4.48 22.37 -20.20
C LEU A 249 -3.79 23.19 -21.28
N ALA A 250 -2.73 23.89 -20.89
CA ALA A 250 -1.90 24.58 -21.86
C ALA A 250 -1.42 23.62 -22.95
N ALA A 251 -1.04 22.41 -22.55
CA ALA A 251 -0.59 21.40 -23.50
C ALA A 251 -1.70 20.97 -24.46
N GLU A 252 -2.96 21.20 -24.12
CA GLU A 252 -4.08 20.91 -25.00
C GLU A 252 -4.40 22.05 -25.97
N LYS A 253 -3.94 23.26 -25.68
CA LYS A 253 -4.18 24.43 -26.53
C LYS A 253 -2.87 25.19 -26.68
N PRO A 254 -1.94 24.64 -27.46
CA PRO A 254 -0.61 25.26 -27.57
C PRO A 254 -0.63 26.62 -28.24
N GLY A 255 -1.70 26.96 -28.95
CA GLY A 255 -1.74 28.21 -29.70
C GLY A 255 -2.09 29.45 -28.92
N THR A 256 -2.33 29.35 -27.61
CA THR A 256 -2.63 30.52 -26.82
C THR A 256 -1.46 30.88 -25.91
N ILE A 257 -1.29 32.17 -25.66
CA ILE A 257 -0.16 32.70 -24.92
C ILE A 257 -0.43 32.70 -23.42
N GLY A 258 -1.64 33.01 -23.01
CA GLY A 258 -1.94 33.06 -21.59
C GLY A 258 -1.81 31.69 -20.94
N THR A 259 -1.23 31.67 -19.74
CA THR A 259 -1.12 30.45 -18.94
C THR A 259 -1.37 30.77 -17.47
N ASN A 260 -1.67 29.71 -16.72
CA ASN A 260 -1.90 29.80 -15.28
C ASN A 260 -1.49 28.48 -14.66
N VAL A 261 -0.54 28.51 -13.73
CA VAL A 261 -0.16 27.32 -12.97
C VAL A 261 -1.03 27.25 -11.73
N GLU A 262 -1.78 26.16 -11.58
CA GLU A 262 -2.68 26.01 -10.46
C GLU A 262 -2.93 24.53 -10.21
N ASN A 263 -2.86 24.12 -8.95
CA ASN A 263 -3.08 22.74 -8.55
C ASN A 263 -2.16 21.79 -9.31
N ASN A 264 -0.90 22.19 -9.44
CA ASN A 264 0.16 21.36 -10.03
C ASN A 264 -0.08 21.05 -11.50
N GLU A 265 -0.87 21.87 -12.18
CA GLU A 265 -1.09 21.79 -13.61
C GLU A 265 -0.96 23.18 -14.23
N THR A 266 -0.63 23.21 -15.52
CA THR A 266 -0.49 24.45 -16.27
C THR A 266 -1.66 24.59 -17.24
N TRP A 267 -2.44 25.64 -17.06
CA TRP A 267 -3.70 25.82 -17.76
C TRP A 267 -3.58 26.89 -18.84
N ALA A 268 -4.29 26.66 -19.95
CA ALA A 268 -4.43 27.68 -20.98
C ALA A 268 -5.39 28.76 -20.51
N MET A 269 -5.10 30.00 -20.90
CA MET A 269 -5.90 31.15 -20.50
C MET A 269 -6.13 32.04 -21.71
N PHE A 270 -7.24 32.78 -21.71
CA PHE A 270 -7.76 33.40 -22.91
C PHE A 270 -8.31 34.80 -22.60
N ASN A 271 -8.18 35.69 -23.59
CA ASN A 271 -8.95 36.92 -23.57
C ASN A 271 -10.31 36.66 -24.24
N GLN A 272 -11.15 37.69 -24.30
CA GLN A 272 -12.52 37.49 -24.76
C GLN A 272 -12.56 37.03 -26.22
N SER A 273 -11.78 37.68 -27.09
CA SER A 273 -11.85 37.33 -28.51
C SER A 273 -11.35 35.90 -28.76
N GLN A 274 -10.30 35.49 -28.05
CA GLN A 274 -9.82 34.12 -28.18
C GLN A 274 -10.86 33.12 -27.75
N ALA A 275 -11.55 33.41 -26.64
CA ALA A 275 -12.55 32.48 -26.11
C ALA A 275 -13.67 32.26 -27.12
N VAL A 276 -14.26 33.33 -27.62
CA VAL A 276 -15.42 33.19 -28.50
C VAL A 276 -15.01 32.59 -29.83
N ALA A 277 -13.76 32.77 -30.25
CA ALA A 277 -13.28 32.09 -31.45
C ALA A 277 -13.12 30.60 -31.22
N MET A 278 -12.93 30.18 -29.97
CA MET A 278 -12.68 28.77 -29.67
C MET A 278 -13.96 27.97 -29.46
N CYS A 279 -14.96 28.56 -28.82
CA CYS A 279 -16.17 27.82 -28.48
C CYS A 279 -17.26 28.80 -28.07
N THR A 280 -18.44 28.25 -27.78
CA THR A 280 -19.52 29.03 -27.20
C THR A 280 -19.22 29.28 -25.72
N VAL A 281 -19.22 30.55 -25.33
CA VAL A 281 -18.94 30.92 -23.94
C VAL A 281 -20.27 31.02 -23.21
N PRO A 282 -20.44 30.38 -22.06
CA PRO A 282 -21.73 30.45 -21.37
C PRO A 282 -22.01 31.86 -20.86
N SER A 283 -23.29 32.13 -20.64
CA SER A 283 -23.68 33.39 -20.03
C SER A 283 -23.24 33.43 -18.58
N SER A 284 -23.19 34.63 -18.01
CA SER A 284 -22.81 34.75 -16.62
C SER A 284 -23.84 34.10 -15.69
N SER A 285 -25.14 34.21 -16.01
CA SER A 285 -26.12 33.55 -15.17
C SER A 285 -26.00 32.03 -15.25
N GLN A 286 -25.65 31.50 -16.42
CA GLN A 286 -25.40 30.06 -16.54
C GLN A 286 -24.26 29.62 -15.64
N LEU A 287 -23.15 30.37 -15.66
CA LEU A 287 -22.02 30.03 -14.80
C LEU A 287 -22.40 30.13 -13.33
N VAL A 288 -23.22 31.12 -12.96
CA VAL A 288 -23.63 31.25 -11.57
C VAL A 288 -24.49 30.08 -11.17
N SER A 289 -25.36 29.60 -12.08
CA SER A 289 -26.18 28.44 -11.78
C SER A 289 -25.33 27.20 -11.55
N LEU A 290 -24.22 27.07 -12.28
CA LEU A 290 -23.29 25.97 -12.01
C LEU A 290 -22.64 26.13 -10.64
N TYR A 291 -22.19 27.34 -10.31
CA TYR A 291 -21.69 27.61 -8.96
C TYR A 291 -22.68 27.16 -7.90
N ASN A 292 -23.96 27.52 -8.08
CA ASN A 292 -24.97 27.20 -7.07
C ASN A 292 -25.12 25.70 -6.87
N LEU A 293 -24.82 24.90 -7.90
CA LEU A 293 -24.84 23.46 -7.75
C LEU A 293 -23.66 22.97 -6.91
N TYR A 294 -22.50 23.60 -7.05
CA TYR A 294 -21.28 23.22 -6.34
C TYR A 294 -20.71 24.46 -5.64
N PRO A 295 -21.35 24.95 -4.60
CA PRO A 295 -21.00 26.25 -4.02
C PRO A 295 -19.81 26.14 -3.06
N LEU A 296 -19.38 27.30 -2.55
CA LEU A 296 -18.36 27.34 -1.49
C LEU A 296 -17.05 26.69 -1.94
N ASN A 297 -16.69 26.93 -3.20
CA ASN A 297 -15.49 26.41 -3.85
C ASN A 297 -15.54 24.90 -4.09
N GLN A 298 -16.75 24.32 -4.07
CA GLN A 298 -16.87 22.92 -4.45
C GLN A 298 -16.72 22.71 -5.96
N ILE A 299 -16.70 23.78 -6.75
CA ILE A 299 -16.24 23.65 -8.13
C ILE A 299 -14.84 23.07 -8.13
N GLN A 300 -14.03 23.40 -7.13
CA GLN A 300 -12.69 22.82 -6.97
C GLN A 300 -12.71 21.54 -6.16
N THR A 301 -13.35 21.54 -4.98
CA THR A 301 -13.19 20.42 -4.06
C THR A 301 -14.09 19.22 -4.40
N VAL A 302 -15.11 19.38 -5.22
CA VAL A 302 -15.90 18.25 -5.71
C VAL A 302 -15.51 17.87 -7.13
N ALA A 303 -15.49 18.84 -8.05
CA ALA A 303 -15.24 18.56 -9.45
C ALA A 303 -13.79 18.74 -9.88
N GLY A 304 -12.97 19.41 -9.07
CA GLY A 304 -11.57 19.58 -9.35
C GLY A 304 -11.19 20.77 -10.20
N TRP A 305 -12.14 21.58 -10.68
CA TRP A 305 -11.76 22.65 -11.61
C TRP A 305 -10.99 23.75 -10.86
N PRO A 306 -10.00 24.37 -11.50
CA PRO A 306 -9.22 25.42 -10.83
C PRO A 306 -10.01 26.72 -10.73
N THR A 307 -10.08 27.28 -9.52
CA THR A 307 -10.99 28.40 -9.26
C THR A 307 -10.29 29.67 -8.78
N MET A 308 -8.96 29.71 -8.74
CA MET A 308 -8.29 30.93 -8.28
C MET A 308 -8.47 32.07 -9.28
N GLN A 309 -8.69 31.77 -10.56
CA GLN A 309 -8.85 32.78 -11.58
C GLN A 309 -10.25 32.70 -12.17
N VAL A 310 -10.75 33.85 -12.62
CA VAL A 310 -12.15 33.94 -13.03
C VAL A 310 -12.38 33.22 -14.35
N TYR A 311 -13.66 32.94 -14.62
CA TYR A 311 -14.11 32.30 -15.85
C TYR A 311 -14.87 33.31 -16.70
N ARG A 312 -14.61 33.28 -18.01
CA ARG A 312 -15.21 34.26 -18.90
C ARG A 312 -16.66 33.88 -19.20
N SER A 313 -17.49 34.91 -19.38
CA SER A 313 -18.87 34.73 -19.81
C SER A 313 -19.11 35.50 -21.10
N SER A 314 -20.25 35.24 -21.72
CA SER A 314 -20.65 35.91 -22.95
C SER A 314 -21.67 37.01 -22.70
N THR A 315 -21.88 37.41 -21.45
CA THR A 315 -22.82 38.46 -21.10
C THR A 315 -22.09 39.81 -21.11
N SER A 316 -22.55 40.73 -21.95
CA SER A 316 -21.99 42.07 -22.00
C SER A 316 -22.36 42.87 -20.75
N ALA A 317 -21.35 43.50 -20.14
CA ALA A 317 -21.57 44.37 -18.99
C ALA A 317 -21.68 45.83 -19.43
N VAL A 318 -20.62 46.35 -20.03
CA VAL A 318 -20.60 47.67 -20.64
C VAL A 318 -19.94 47.54 -22.01
N ILE A 319 -19.93 48.63 -22.76
CA ILE A 319 -19.38 48.58 -24.11
C ILE A 319 -17.93 48.12 -24.03
N GLY A 320 -17.62 46.99 -24.65
CA GLY A 320 -16.26 46.49 -24.69
C GLY A 320 -15.82 45.67 -23.49
N GLN A 321 -16.73 45.32 -22.58
CA GLN A 321 -16.37 44.50 -21.43
C GLN A 321 -17.48 43.50 -21.15
N HIS A 322 -17.10 42.23 -20.97
CA HIS A 322 -18.04 41.18 -20.61
C HIS A 322 -17.78 40.71 -19.19
N PHE A 323 -18.87 40.35 -18.50
CA PHE A 323 -18.74 39.84 -17.14
C PHE A 323 -17.87 38.59 -17.12
N TYR A 324 -17.10 38.45 -16.05
CA TYR A 324 -16.44 37.21 -15.70
C TYR A 324 -16.98 36.76 -14.34
N VAL A 325 -16.81 35.48 -14.03
CA VAL A 325 -17.40 34.91 -12.83
C VAL A 325 -16.31 34.24 -12.00
N TYR A 326 -16.30 34.53 -10.69
CA TYR A 326 -15.49 33.83 -9.70
C TYR A 326 -16.21 32.53 -9.36
N MET A 327 -15.70 31.40 -9.87
CA MET A 327 -16.40 30.14 -9.64
C MET A 327 -16.13 29.56 -8.27
N ASN A 328 -15.34 30.22 -7.43
CA ASN A 328 -15.19 29.83 -6.05
C ASN A 328 -16.26 30.45 -5.14
N THR A 329 -16.84 31.58 -5.54
CA THR A 329 -17.81 32.27 -4.71
C THR A 329 -19.12 32.63 -5.42
N GLY A 330 -19.19 32.56 -6.74
CA GLY A 330 -20.36 32.98 -7.49
C GLY A 330 -20.43 34.47 -7.79
N ASN A 331 -19.45 35.24 -7.34
CA ASN A 331 -19.41 36.66 -7.67
C ASN A 331 -19.06 36.86 -9.14
N TYR A 332 -19.52 37.98 -9.70
CA TYR A 332 -19.24 38.30 -11.09
C TYR A 332 -18.99 39.80 -11.21
N ALA A 333 -18.22 40.17 -12.24
CA ALA A 333 -17.78 41.55 -12.36
C ALA A 333 -17.19 41.77 -13.75
N TYR A 334 -16.76 43.00 -13.99
CA TYR A 334 -16.00 43.37 -15.19
C TYR A 334 -14.93 44.37 -14.77
N ASN A 335 -14.05 44.71 -15.71
CA ASN A 335 -12.93 45.60 -15.41
C ASN A 335 -12.66 46.49 -16.62
N SER A 336 -13.17 47.72 -16.55
CA SER A 336 -12.92 48.70 -17.61
C SER A 336 -11.51 49.27 -17.49
N ILE A 337 -11.05 49.53 -16.27
CA ILE A 337 -9.76 50.17 -16.06
C ILE A 337 -8.64 49.32 -16.68
N GLY A 338 -8.65 48.02 -16.39
CA GLY A 338 -7.65 47.12 -16.93
C GLY A 338 -8.00 46.51 -18.27
N ASN A 339 -9.05 47.02 -18.93
CA ASN A 339 -9.53 46.46 -20.20
C ASN A 339 -9.55 44.94 -20.14
N GLY A 340 -10.43 44.38 -19.30
CA GLY A 340 -10.41 42.95 -19.03
C GLY A 340 -10.61 42.11 -20.28
N ASP A 341 -11.45 42.57 -21.21
CA ASP A 341 -11.77 41.76 -22.38
C ASP A 341 -10.54 41.51 -23.24
N VAL A 342 -9.60 42.44 -23.26
CA VAL A 342 -8.45 42.38 -24.16
C VAL A 342 -7.21 41.88 -23.43
N ASP A 343 -6.90 42.46 -22.28
CA ASP A 343 -5.68 42.14 -21.55
C ASP A 343 -5.84 41.02 -20.54
N GLY A 344 -7.08 40.68 -20.17
CA GLY A 344 -7.30 39.62 -19.19
C GLY A 344 -7.10 38.24 -19.79
N ASN A 345 -6.30 37.42 -19.11
CA ASN A 345 -6.09 36.03 -19.48
C ASN A 345 -6.80 35.18 -18.43
N TYR A 346 -8.01 34.76 -18.76
CA TYR A 346 -8.91 34.14 -17.80
C TYR A 346 -9.26 32.72 -18.25
N ASN A 347 -9.93 31.99 -17.37
CA ASN A 347 -10.37 30.65 -17.69
C ASN A 347 -11.53 30.67 -18.65
N VAL A 348 -11.64 29.62 -19.46
CA VAL A 348 -12.80 29.41 -20.32
C VAL A 348 -13.34 28.01 -20.11
N SER A 349 -14.59 27.92 -19.63
CA SER A 349 -15.38 26.70 -19.66
C SER A 349 -16.35 26.82 -20.83
N CYS A 350 -16.18 25.95 -21.81
CA CYS A 350 -17.00 26.00 -23.01
C CYS A 350 -18.38 25.43 -22.73
N SER A 351 -19.39 26.02 -23.37
CA SER A 351 -20.76 25.52 -23.31
C SER A 351 -20.96 24.51 -24.43
N LEU A 352 -21.41 23.31 -24.07
CA LEU A 352 -21.48 22.21 -25.04
C LEU A 352 -22.91 21.87 -25.43
#